data_6RBS
#
_entry.id   6RBS
#
_cell.length_a   62.526
_cell.length_b   76.541
_cell.length_c   118.385
_cell.angle_alpha   90.000
_cell.angle_beta   90.000
_cell.angle_gamma   90.000
#
_symmetry.space_group_name_H-M   'I 2 2 2'
#
loop_
_entity.id
_entity.type
_entity.pdbx_description
1 polymer 'NAD kinase 1'
2 non-polymer 'CITRIC ACID'
3 non-polymer 8-bromanyl-9-pent-4-ynyl-purin-6-amine
4 water water
#
_entity_poly.entity_id   1
_entity_poly.type   'polypeptide(L)'
_entity_poly.pdbx_seq_one_letter_code
;MKYMITSKGDEKSDLLRLNMIAGFGEYDMEYDDVEPEIVISIGGDGTFLSAFHQYEERLDEIAFIGIHTGHLGFYADWRP
AEADKLVKLLAKGEYQKVSYPLLKTTVKYGIGKKEATYLALNESTVKSSGGPFVVDVVINDIHFERFRGDGLCMSTPSGT
TAYNKSLGGALMHPSIEAMQLTEMASINNRVYRTIGSPLVFPKHHVVSLQPVNDKDFQISVDHLSILHRDVQEIRYEVSA
KKIHFARFRSFPFWRRVHDSFIEDLEHHHHHH
;
_entity_poly.pdbx_strand_id   A
#
loop_
_chem_comp.id
_chem_comp.type
_chem_comp.name
_chem_comp.formula
CIT non-polymer 'CITRIC ACID' 'C6 H8 O7'
JXT non-polymer 8-bromanyl-9-pent-4-ynyl-purin-6-amine 'C10 H10 Br N5'
#
# COMPACT_ATOMS: atom_id res chain seq x y z
N MET A 1 -25.20 5.56 7.30
CA MET A 1 -24.14 6.03 8.20
C MET A 1 -23.36 7.17 7.56
N LYS A 2 -22.28 7.58 8.23
CA LYS A 2 -21.42 8.61 7.68
C LYS A 2 -20.63 8.06 6.49
N TYR A 3 -20.28 8.95 5.57
CA TYR A 3 -19.51 8.55 4.40
C TYR A 3 -18.91 9.78 3.75
N MET A 4 -17.88 9.54 2.93
CA MET A 4 -17.31 10.59 2.11
C MET A 4 -16.85 9.97 0.80
N ILE A 5 -16.65 10.82 -0.20
CA ILE A 5 -16.21 10.38 -1.51
C ILE A 5 -15.09 11.29 -1.99
N THR A 6 -13.93 10.70 -2.31
CA THR A 6 -12.82 11.40 -2.93
C THR A 6 -12.80 11.09 -4.42
N SER A 7 -12.26 12.05 -5.20
CA SER A 7 -12.30 11.98 -6.65
C SER A 7 -10.96 12.41 -7.23
N LYS A 8 -10.61 11.85 -8.38
CA LYS A 8 -9.37 12.22 -9.07
C LYS A 8 -9.39 13.65 -9.56
N GLY A 9 -10.56 14.24 -9.74
CA GLY A 9 -10.65 15.64 -10.11
C GLY A 9 -10.78 15.93 -11.60
N ASP A 10 -10.85 14.91 -12.44
CA ASP A 10 -11.15 15.13 -13.85
C ASP A 10 -12.66 15.25 -14.02
N GLU A 11 -13.14 15.21 -15.26
CA GLU A 11 -14.55 15.48 -15.51
C GLU A 11 -15.43 14.31 -15.09
N LYS A 12 -15.08 13.09 -15.49
CA LYS A 12 -15.95 11.95 -15.22
C LYS A 12 -15.97 11.60 -13.73
N SER A 13 -14.86 11.76 -13.04
CA SER A 13 -14.80 11.37 -11.63
C SER A 13 -15.60 12.32 -10.76
N ASP A 14 -15.49 13.63 -11.01
CA ASP A 14 -16.31 14.59 -10.26
C ASP A 14 -17.79 14.36 -10.51
N LEU A 15 -18.17 14.14 -11.76
CA LEU A 15 -19.58 13.94 -12.09
C LEU A 15 -20.10 12.63 -11.52
N LEU A 16 -19.29 11.56 -11.57
CA LEU A 16 -19.71 10.31 -10.94
C LEU A 16 -19.83 10.48 -9.43
N ARG A 17 -19.00 11.33 -8.84
CA ARG A 17 -19.11 11.57 -7.40
C ARG A 17 -20.40 12.30 -7.06
N LEU A 18 -20.73 13.36 -7.82
CA LEU A 18 -21.96 14.08 -7.55
C LEU A 18 -23.19 13.20 -7.76
N ASN A 19 -23.14 12.27 -8.72
CA ASN A 19 -24.26 11.37 -8.92
C ASN A 19 -24.45 10.41 -7.75
N MET A 20 -23.33 9.94 -7.16
CA MET A 20 -23.45 9.01 -6.04
C MET A 20 -23.92 9.73 -4.78
N ILE A 21 -23.44 10.96 -4.55
CA ILE A 21 -23.95 11.75 -3.43
C ILE A 21 -25.45 11.98 -3.58
N ALA A 22 -25.88 12.36 -4.80
CA ALA A 22 -27.31 12.55 -5.05
C ALA A 22 -28.07 11.25 -4.83
N GLY A 23 -27.55 10.14 -5.34
CA GLY A 23 -28.15 8.85 -5.06
C GLY A 23 -28.14 8.52 -3.57
N PHE A 24 -27.06 8.92 -2.87
CA PHE A 24 -26.99 8.66 -1.44
C PHE A 24 -28.02 9.49 -0.67
N GLY A 25 -28.42 10.64 -1.21
CA GLY A 25 -29.41 11.47 -0.55
C GLY A 25 -30.78 10.81 -0.41
N GLU A 26 -31.02 9.73 -1.14
CA GLU A 26 -32.28 9.02 -1.08
C GLU A 26 -32.31 7.96 0.01
N TYR A 27 -31.35 7.95 0.92
CA TYR A 27 -31.26 6.94 1.96
C TYR A 27 -30.86 7.60 3.28
N ASP A 28 -30.86 6.79 4.34
CA ASP A 28 -30.35 7.22 5.65
C ASP A 28 -28.83 7.28 5.59
N MET A 29 -28.29 8.27 4.89
CA MET A 29 -26.84 8.38 4.69
C MET A 29 -26.44 9.84 4.85
N GLU A 30 -25.37 10.09 5.59
CA GLU A 30 -24.90 11.44 5.88
C GLU A 30 -23.48 11.60 5.36
N TYR A 31 -23.24 12.70 4.64
CA TYR A 31 -21.90 12.99 4.16
C TYR A 31 -21.10 13.66 5.27
N ASP A 32 -20.02 13.02 5.68
CA ASP A 32 -19.09 13.57 6.66
C ASP A 32 -17.71 13.07 6.29
N ASP A 33 -16.81 13.98 5.95
CA ASP A 33 -15.44 13.60 5.61
C ASP A 33 -14.49 13.69 6.80
N VAL A 34 -15.01 13.93 8.00
CA VAL A 34 -14.20 13.99 9.21
C VAL A 34 -14.20 12.66 9.96
N GLU A 35 -15.39 12.09 10.21
CA GLU A 35 -15.51 10.78 10.83
C GLU A 35 -16.42 9.87 10.01
N PRO A 36 -16.08 9.62 8.74
CA PRO A 36 -16.87 8.67 7.96
C PRO A 36 -16.55 7.23 8.36
N GLU A 37 -17.50 6.34 8.07
CA GLU A 37 -17.27 4.91 8.20
C GLU A 37 -17.25 4.20 6.85
N ILE A 38 -17.47 4.94 5.77
CA ILE A 38 -17.37 4.41 4.41
C ILE A 38 -16.67 5.45 3.56
N VAL A 39 -15.48 5.12 3.08
CA VAL A 39 -14.73 6.01 2.21
C VAL A 39 -14.75 5.41 0.81
N ILE A 40 -15.28 6.17 -0.14
CA ILE A 40 -15.40 5.74 -1.53
C ILE A 40 -14.39 6.53 -2.34
N SER A 41 -13.55 5.82 -3.10
CA SER A 41 -12.53 6.42 -3.93
C SER A 41 -12.92 6.28 -5.39
N ILE A 42 -12.82 7.37 -6.15
CA ILE A 42 -13.21 7.39 -7.56
C ILE A 42 -12.03 7.90 -8.36
N GLY A 43 -11.51 7.05 -9.25
CA GLY A 43 -10.35 7.39 -10.04
C GLY A 43 -9.47 6.19 -10.32
N GLY A 44 -8.25 6.19 -9.80
CA GLY A 44 -7.36 5.05 -9.98
C GLY A 44 -6.88 4.50 -8.65
N ASP A 45 -5.90 3.61 -8.68
CA ASP A 45 -5.32 3.13 -7.43
C ASP A 45 -4.62 4.25 -6.67
N GLY A 46 -4.02 5.19 -7.40
CA GLY A 46 -3.44 6.36 -6.75
C GLY A 46 -4.46 7.17 -6.00
N THR A 47 -5.66 7.33 -6.57
CA THR A 47 -6.74 7.99 -5.85
C THR A 47 -7.10 7.22 -4.59
N PHE A 48 -7.11 5.89 -4.68
CA PHE A 48 -7.39 5.08 -3.51
C PHE A 48 -6.30 5.23 -2.45
N LEU A 49 -5.03 5.26 -2.88
CA LEU A 49 -3.93 5.39 -1.93
C LEU A 49 -4.01 6.70 -1.17
N SER A 50 -4.34 7.81 -1.85
CA SER A 50 -4.52 9.07 -1.15
C SER A 50 -5.65 8.98 -0.15
N ALA A 51 -6.74 8.29 -0.52
CA ALA A 51 -7.85 8.11 0.41
C ALA A 51 -7.43 7.29 1.61
N PHE A 52 -6.65 6.24 1.39
CA PHE A 52 -6.17 5.42 2.49
C PHE A 52 -5.34 6.24 3.48
N HIS A 53 -4.38 7.02 2.97
CA HIS A 53 -3.52 7.79 3.85
C HIS A 53 -4.23 8.97 4.48
N GLN A 54 -5.26 9.51 3.83
CA GLN A 54 -6.00 10.61 4.43
C GLN A 54 -6.68 10.16 5.73
N TYR A 55 -7.05 8.89 5.82
CA TYR A 55 -7.78 8.38 6.97
C TYR A 55 -7.05 7.25 7.68
N GLU A 56 -5.71 7.27 7.65
CA GLU A 56 -4.93 6.26 8.38
C GLU A 56 -5.17 6.32 9.88
N GLU A 57 -5.80 7.39 10.39
CA GLU A 57 -6.14 7.46 11.80
C GLU A 57 -7.17 6.39 12.17
N ARG A 58 -8.34 6.44 11.55
CA ARG A 58 -9.47 5.58 11.91
C ARG A 58 -9.60 4.43 10.90
N LEU A 59 -8.56 3.60 10.83
CA LEU A 59 -8.59 2.47 9.90
C LEU A 59 -9.57 1.40 10.35
N ASP A 60 -9.59 1.09 11.64
CA ASP A 60 -10.49 0.07 12.15
C ASP A 60 -11.94 0.54 12.26
N GLU A 61 -12.25 1.71 11.71
CA GLU A 61 -13.60 2.26 11.71
C GLU A 61 -14.10 2.59 10.32
N ILE A 62 -13.38 2.18 9.28
CA ILE A 62 -13.71 2.53 7.90
C ILE A 62 -13.67 1.29 7.03
N ALA A 63 -14.61 1.18 6.10
CA ALA A 63 -14.58 0.21 5.02
C ALA A 63 -14.42 0.97 3.71
N PHE A 64 -13.36 0.68 2.97
CA PHE A 64 -13.03 1.40 1.75
C PHE A 64 -13.69 0.74 0.53
N ILE A 65 -13.91 1.55 -0.50
CA ILE A 65 -14.42 1.09 -1.79
C ILE A 65 -13.73 1.90 -2.88
N GLY A 66 -13.24 1.22 -3.91
CA GLY A 66 -12.62 1.89 -5.02
C GLY A 66 -13.35 1.72 -6.34
N ILE A 67 -13.56 2.81 -7.05
CA ILE A 67 -14.19 2.80 -8.36
C ILE A 67 -13.17 3.35 -9.36
N HIS A 68 -12.97 2.62 -10.46
CA HIS A 68 -12.02 3.05 -11.48
C HIS A 68 -12.76 3.67 -12.65
N THR A 69 -12.47 4.95 -12.91
CA THR A 69 -12.97 5.62 -14.10
C THR A 69 -12.02 5.48 -15.29
N GLY A 70 -10.81 5.01 -15.05
CA GLY A 70 -9.87 4.61 -16.09
C GLY A 70 -9.79 3.10 -16.20
N HIS A 71 -8.58 2.60 -16.46
CA HIS A 71 -8.36 1.17 -16.54
CA HIS A 71 -8.39 1.17 -16.54
C HIS A 71 -8.61 0.52 -15.17
N LEU A 72 -8.71 -0.81 -15.19
CA LEU A 72 -8.93 -1.56 -13.95
C LEU A 72 -7.74 -1.41 -13.02
N GLY A 73 -8.04 -1.25 -11.72
CA GLY A 73 -7.01 -1.19 -10.71
C GLY A 73 -7.18 -2.28 -9.66
N PHE A 74 -6.13 -2.54 -8.87
CA PHE A 74 -6.22 -3.59 -7.86
C PHE A 74 -7.01 -3.14 -6.63
N TYR A 75 -7.11 -1.84 -6.39
CA TYR A 75 -7.95 -1.30 -5.33
C TYR A 75 -9.22 -0.65 -5.86
N ALA A 76 -9.11 0.10 -6.96
CA ALA A 76 -10.29 0.62 -7.65
C ALA A 76 -10.74 -0.43 -8.67
N ASP A 77 -11.52 -1.39 -8.17
CA ASP A 77 -11.84 -2.59 -8.93
C ASP A 77 -13.32 -2.71 -9.28
N TRP A 78 -14.08 -1.62 -9.18
CA TRP A 78 -15.49 -1.62 -9.55
C TRP A 78 -15.72 -0.59 -10.66
N ARG A 79 -16.37 -1.03 -11.72
CA ARG A 79 -16.59 -0.18 -12.88
C ARG A 79 -17.55 0.96 -12.55
N PRO A 80 -17.45 2.09 -13.26
CA PRO A 80 -18.39 3.19 -13.01
C PRO A 80 -19.83 2.80 -13.25
N ALA A 81 -20.09 1.87 -14.17
CA ALA A 81 -21.46 1.46 -14.47
C ALA A 81 -22.08 0.72 -13.30
N GLU A 82 -21.32 0.54 -12.22
CA GLU A 82 -21.78 -0.15 -11.03
C GLU A 82 -22.07 0.80 -9.87
N ALA A 83 -22.01 2.11 -10.10
CA ALA A 83 -22.13 3.06 -9.01
C ALA A 83 -23.52 3.03 -8.38
N ASP A 84 -24.58 3.00 -9.21
CA ASP A 84 -25.93 3.05 -8.67
C ASP A 84 -26.27 1.80 -7.87
N LYS A 85 -25.82 0.63 -8.34
CA LYS A 85 -25.98 -0.59 -7.54
C LYS A 85 -25.11 -0.53 -6.29
N LEU A 86 -23.95 0.10 -6.40
CA LEU A 86 -23.10 0.33 -5.23
C LEU A 86 -23.81 1.18 -4.19
N VAL A 87 -24.45 2.27 -4.64
CA VAL A 87 -25.11 3.19 -3.72
C VAL A 87 -26.13 2.45 -2.86
N LYS A 88 -26.93 1.59 -3.50
CA LYS A 88 -28.06 0.97 -2.81
C LYS A 88 -27.59 0.01 -1.73
N LEU A 89 -26.69 -0.91 -2.07
CA LEU A 89 -26.26 -1.92 -1.10
C LEU A 89 -25.36 -1.34 -0.01
N LEU A 90 -24.68 -0.23 -0.29
CA LEU A 90 -23.95 0.46 0.76
C LEU A 90 -24.91 1.06 1.79
N ALA A 91 -26.03 1.60 1.34
CA ALA A 91 -26.96 2.26 2.25
C ALA A 91 -27.77 1.24 3.05
N LYS A 92 -28.23 0.17 2.40
CA LYS A 92 -28.89 -0.92 3.10
C LYS A 92 -27.96 -1.63 4.07
N GLY A 93 -26.67 -1.29 4.10
CA GLY A 93 -25.71 -1.90 4.97
C GLY A 93 -25.66 -3.40 4.74
N GLU A 94 -25.37 -4.12 5.83
CA GLU A 94 -25.38 -5.58 5.87
C GLU A 94 -24.57 -6.18 4.70
N TYR A 95 -23.32 -5.76 4.63
CA TYR A 95 -22.37 -6.26 3.64
C TYR A 95 -21.17 -6.88 4.35
N GLN A 96 -20.42 -7.68 3.60
CA GLN A 96 -19.24 -8.35 4.14
C GLN A 96 -18.02 -7.45 4.04
N LYS A 97 -17.09 -7.63 4.98
CA LYS A 97 -15.83 -6.90 4.99
C LYS A 97 -14.67 -7.87 4.81
N VAL A 98 -13.66 -7.43 4.05
CA VAL A 98 -12.41 -8.18 3.90
C VAL A 98 -11.27 -7.25 4.26
N SER A 99 -10.20 -7.83 4.81
CA SER A 99 -9.09 -7.06 5.36
C SER A 99 -7.77 -7.52 4.75
N TYR A 100 -6.93 -6.55 4.41
CA TYR A 100 -5.59 -6.78 3.87
C TYR A 100 -4.52 -6.31 4.86
N PRO A 101 -3.37 -6.97 4.92
CA PRO A 101 -2.33 -6.57 5.87
C PRO A 101 -1.59 -5.32 5.40
N LEU A 102 -0.96 -4.66 6.36
CA LEU A 102 -0.21 -3.44 6.11
C LEU A 102 1.21 -3.60 6.63
N LEU A 103 2.09 -2.71 6.18
CA LEU A 103 3.52 -2.75 6.50
C LEU A 103 3.88 -1.55 7.37
N LYS A 104 4.49 -1.82 8.53
CA LYS A 104 4.95 -0.77 9.42
C LYS A 104 6.40 -0.45 9.13
N THR A 105 6.71 0.84 9.04
CA THR A 105 8.06 1.33 8.80
C THR A 105 8.42 2.29 9.93
N THR A 106 9.45 1.94 10.70
CA THR A 106 9.93 2.78 11.77
C THR A 106 11.27 3.39 11.38
N VAL A 107 11.39 4.70 11.52
CA VAL A 107 12.63 5.43 11.23
C VAL A 107 13.13 6.04 12.53
N LYS A 108 14.38 5.77 12.86
CA LYS A 108 15.00 6.24 14.10
C LYS A 108 16.20 7.13 13.77
N TYR A 109 16.32 8.23 14.50
CA TYR A 109 17.35 9.23 14.27
C TYR A 109 18.26 9.34 15.51
N GLY A 110 19.16 10.31 15.48
CA GLY A 110 20.00 10.62 16.62
C GLY A 110 19.59 11.91 17.31
N LYS A 114 15.00 10.44 18.35
CA LYS A 114 13.67 10.66 17.79
C LYS A 114 13.25 9.43 16.98
N GLU A 115 11.95 9.32 16.69
CA GLU A 115 11.41 8.18 15.98
C GLU A 115 10.24 8.63 15.11
N ALA A 116 10.13 8.05 13.93
CA ALA A 116 9.03 8.34 13.01
C ALA A 116 8.52 7.03 12.43
N THR A 117 7.22 6.78 12.58
CA THR A 117 6.60 5.57 12.08
C THR A 117 5.63 5.89 10.95
N TYR A 118 5.45 4.94 10.04
CA TYR A 118 4.61 5.13 8.87
C TYR A 118 3.90 3.83 8.54
N LEU A 119 2.73 3.95 7.92
CA LEU A 119 1.95 2.81 7.44
C LEU A 119 1.91 2.85 5.92
N ALA A 120 2.10 1.70 5.30
CA ALA A 120 2.17 1.60 3.85
C ALA A 120 1.20 0.55 3.36
N LEU A 121 0.41 0.89 2.35
CA LEU A 121 -0.53 -0.04 1.74
C LEU A 121 0.11 -0.82 0.59
N ASN A 122 1.02 -0.19 -0.13
CA ASN A 122 1.74 -0.86 -1.22
C ASN A 122 3.10 -1.32 -0.73
N GLU A 123 4.03 -0.39 -0.54
CA GLU A 123 5.40 -0.75 -0.21
C GLU A 123 6.13 0.47 0.35
N SER A 124 7.31 0.21 0.90
CA SER A 124 8.24 1.25 1.29
C SER A 124 9.61 0.91 0.74
N THR A 125 10.27 1.92 0.16
CA THR A 125 11.56 1.73 -0.48
C THR A 125 12.61 2.64 0.15
N VAL A 126 13.86 2.21 0.05
CA VAL A 126 15.00 2.98 0.56
C VAL A 126 16.03 3.09 -0.56
N LYS A 127 16.46 4.32 -0.83
CA LYS A 127 17.55 4.59 -1.74
C LYS A 127 18.50 5.59 -1.07
N SER A 128 19.66 5.79 -1.68
CA SER A 128 20.62 6.74 -1.15
C SER A 128 20.28 8.15 -1.59
N SER A 129 20.84 9.13 -0.87
CA SER A 129 20.62 10.54 -1.13
C SER A 129 21.43 11.06 -2.31
N GLY A 130 22.09 10.19 -3.06
CA GLY A 130 22.89 10.63 -4.19
C GLY A 130 24.10 9.76 -4.40
N GLY A 131 24.90 9.60 -3.34
CA GLY A 131 26.06 8.75 -3.39
C GLY A 131 25.70 7.28 -3.40
N PRO A 132 26.62 6.43 -2.97
CA PRO A 132 26.35 4.99 -2.96
C PRO A 132 25.40 4.61 -1.84
N PHE A 133 24.57 3.61 -2.12
CA PHE A 133 23.65 3.05 -1.13
C PHE A 133 24.25 1.77 -0.59
N VAL A 134 24.65 1.79 0.67
CA VAL A 134 25.18 0.63 1.38
C VAL A 134 24.47 0.54 2.72
N VAL A 135 23.86 -0.61 3.00
CA VAL A 135 23.24 -0.84 4.30
C VAL A 135 23.52 -2.27 4.73
N ASP A 136 23.60 -2.47 6.04
CA ASP A 136 23.61 -3.81 6.61
C ASP A 136 22.18 -4.24 6.88
N VAL A 137 21.85 -5.45 6.46
CA VAL A 137 20.50 -5.98 6.61
C VAL A 137 20.50 -6.93 7.81
N VAL A 138 19.65 -6.63 8.79
CA VAL A 138 19.58 -7.37 10.05
C VAL A 138 18.18 -7.94 10.16
N ILE A 139 18.09 -9.27 10.25
CA ILE A 139 16.81 -9.97 10.37
C ILE A 139 16.71 -10.55 11.76
N ASN A 140 15.74 -10.06 12.54
CA ASN A 140 15.48 -10.56 13.88
C ASN A 140 16.77 -10.55 14.72
N ASP A 141 17.50 -9.44 14.63
CA ASP A 141 18.76 -9.12 15.31
C ASP A 141 19.94 -9.87 14.72
N ILE A 142 19.77 -10.75 13.75
CA ILE A 142 20.87 -11.47 13.12
C ILE A 142 21.30 -10.71 11.87
N HIS A 143 22.60 -10.43 11.76
CA HIS A 143 23.11 -9.75 10.58
CA HIS A 143 23.12 -9.75 10.58
C HIS A 143 23.07 -10.69 9.39
N PHE A 144 22.27 -10.34 8.38
CA PHE A 144 22.03 -11.21 7.24
C PHE A 144 22.92 -10.92 6.04
N GLU A 145 23.17 -9.65 5.73
CA GLU A 145 23.96 -9.33 4.54
C GLU A 145 24.30 -7.85 4.58
N ARG A 146 25.31 -7.48 3.79
CA ARG A 146 25.64 -6.09 3.52
C ARG A 146 25.26 -5.81 2.08
N PHE A 147 24.27 -4.93 1.88
CA PHE A 147 23.71 -4.67 0.57
C PHE A 147 24.32 -3.44 -0.06
N ARG A 148 24.86 -3.59 -1.27
CA ARG A 148 25.26 -2.47 -2.11
C ARG A 148 24.47 -2.52 -3.40
N GLY A 149 23.88 -1.40 -3.78
CA GLY A 149 23.07 -1.33 -4.97
C GLY A 149 22.28 -0.05 -5.02
N ASP A 150 21.20 -0.06 -5.81
CA ASP A 150 20.37 1.14 -5.92
C ASP A 150 19.46 1.31 -4.72
N GLY A 151 18.89 0.22 -4.20
CA GLY A 151 18.05 0.32 -3.04
C GLY A 151 17.32 -0.99 -2.75
N LEU A 152 16.40 -0.91 -1.79
CA LEU A 152 15.61 -2.04 -1.35
C LEU A 152 14.14 -1.65 -1.32
N CYS A 153 13.27 -2.65 -1.35
CA CYS A 153 11.83 -2.44 -1.37
C CYS A 153 11.16 -3.50 -0.52
N MET A 154 10.40 -3.07 0.48
CA MET A 154 9.58 -3.97 1.29
C MET A 154 8.12 -3.76 0.94
N SER A 155 7.45 -4.84 0.57
CA SER A 155 6.12 -4.77 -0.04
C SER A 155 5.09 -5.51 0.82
N THR A 156 3.89 -4.95 0.89
CA THR A 156 2.74 -5.65 1.45
C THR A 156 2.30 -6.73 0.47
N PRO A 157 1.44 -7.67 0.92
CA PRO A 157 0.90 -8.66 -0.02
C PRO A 157 0.21 -8.03 -1.22
N SER A 158 -0.78 -7.16 -0.99
CA SER A 158 -1.46 -6.49 -2.09
C SER A 158 -0.52 -5.56 -2.85
N GLY A 159 0.54 -5.09 -2.20
CA GLY A 159 1.53 -4.29 -2.91
C GLY A 159 2.43 -5.06 -3.84
N THR A 160 2.34 -6.40 -3.86
CA THR A 160 3.25 -7.17 -4.69
C THR A 160 2.97 -7.03 -6.17
N THR A 161 1.78 -6.56 -6.55
CA THR A 161 1.47 -6.32 -7.95
C THR A 161 1.99 -4.97 -8.46
N ALA A 162 2.52 -4.13 -7.58
CA ALA A 162 3.05 -2.83 -7.98
C ALA A 162 4.55 -2.88 -8.18
N TYR A 163 5.28 -2.01 -7.47
CA TYR A 163 6.74 -1.90 -7.63
C TYR A 163 7.43 -3.23 -7.35
N ASN A 164 6.97 -3.97 -6.34
CA ASN A 164 7.51 -5.31 -6.07
C ASN A 164 7.55 -6.15 -7.33
N LYS A 165 6.50 -6.11 -8.14
CA LYS A 165 6.45 -6.94 -9.34
C LYS A 165 7.53 -6.52 -10.34
N SER A 166 7.79 -5.20 -10.46
CA SER A 166 8.75 -4.71 -11.43
C SER A 166 10.18 -5.12 -11.10
N LEU A 167 10.44 -5.54 -9.85
CA LEU A 167 11.78 -5.90 -9.43
C LEU A 167 11.99 -7.41 -9.38
N GLY A 168 11.04 -8.19 -9.90
CA GLY A 168 11.16 -9.63 -9.90
C GLY A 168 10.61 -10.32 -8.67
N GLY A 169 9.95 -9.59 -7.77
CA GLY A 169 9.34 -10.23 -6.63
C GLY A 169 8.14 -11.08 -7.01
N ALA A 170 7.71 -11.90 -6.07
CA ALA A 170 6.60 -12.80 -6.31
C ALA A 170 5.27 -12.10 -5.98
N LEU A 171 4.22 -12.57 -6.64
CA LEU A 171 2.86 -12.11 -6.37
C LEU A 171 2.26 -12.96 -5.26
N MET A 172 1.67 -12.31 -4.27
CA MET A 172 1.30 -12.95 -3.03
C MET A 172 -0.18 -12.68 -2.75
N HIS A 173 -0.93 -13.74 -2.45
CA HIS A 173 -2.35 -13.56 -2.17
C HIS A 173 -2.51 -12.76 -0.88
N PRO A 174 -3.35 -11.72 -0.86
CA PRO A 174 -3.38 -10.80 0.28
C PRO A 174 -3.91 -11.41 1.57
N SER A 175 -4.41 -12.65 1.56
CA SER A 175 -4.78 -13.27 2.83
C SER A 175 -3.57 -13.76 3.61
N ILE A 176 -2.39 -13.76 2.99
CA ILE A 176 -1.15 -14.17 3.65
C ILE A 176 -0.59 -12.95 4.38
N GLU A 177 -0.57 -13.01 5.71
CA GLU A 177 -0.03 -11.92 6.53
C GLU A 177 1.49 -11.97 6.41
N ALA A 178 2.04 -11.19 5.48
CA ALA A 178 3.46 -11.26 5.20
C ALA A 178 3.94 -9.93 4.63
N MET A 179 5.26 -9.84 4.48
CA MET A 179 5.90 -8.75 3.76
C MET A 179 7.04 -9.32 2.93
N GLN A 180 7.34 -8.66 1.82
CA GLN A 180 8.33 -9.17 0.88
C GLN A 180 9.36 -8.10 0.57
N LEU A 181 10.63 -8.49 0.66
CA LEU A 181 11.76 -7.59 0.44
C LEU A 181 12.44 -7.96 -0.87
N THR A 182 12.68 -6.95 -1.71
CA THR A 182 13.33 -7.18 -2.99
C THR A 182 14.50 -6.21 -3.14
N GLU A 183 15.43 -6.59 -4.02
CA GLU A 183 16.65 -5.83 -4.26
C GLU A 183 16.52 -4.99 -5.53
N MET A 184 17.20 -3.85 -5.56
CA MET A 184 17.30 -3.01 -6.74
C MET A 184 18.76 -2.96 -7.18
N ALA A 185 19.05 -3.57 -8.34
CA ALA A 185 20.35 -3.49 -9.00
C ALA A 185 21.50 -3.68 -8.03
N SER A 186 21.54 -4.85 -7.40
CA SER A 186 22.55 -5.11 -6.38
C SER A 186 23.87 -5.46 -7.04
N ILE A 187 24.96 -5.01 -6.40
CA ILE A 187 26.31 -5.39 -6.82
C ILE A 187 26.65 -6.73 -6.19
N ASN A 188 27.02 -7.71 -7.01
CA ASN A 188 27.47 -9.00 -6.52
C ASN A 188 28.78 -9.36 -7.19
N ASN A 189 29.83 -9.53 -6.38
CA ASN A 189 31.13 -9.93 -6.89
C ASN A 189 31.81 -10.89 -5.92
N ARG A 190 33.14 -10.92 -5.95
CA ARG A 190 33.92 -11.71 -5.00
C ARG A 190 34.08 -11.03 -3.65
N VAL A 191 33.93 -9.71 -3.59
CA VAL A 191 34.02 -9.01 -2.31
C VAL A 191 32.67 -8.95 -1.63
N TYR A 192 31.63 -8.57 -2.38
CA TYR A 192 30.31 -8.32 -1.83
C TYR A 192 29.34 -9.42 -2.22
N ARG A 193 28.34 -9.64 -1.39
CA ARG A 193 27.41 -10.75 -1.57
C ARG A 193 26.03 -10.34 -1.09
N THR A 194 25.03 -10.52 -1.95
CA THR A 194 23.63 -10.39 -1.56
C THR A 194 22.92 -11.70 -1.87
N ILE A 195 21.76 -11.88 -1.23
CA ILE A 195 21.00 -13.11 -1.46
C ILE A 195 20.42 -13.12 -2.87
N GLY A 196 20.15 -11.95 -3.45
CA GLY A 196 19.57 -11.88 -4.78
C GLY A 196 18.09 -12.19 -4.79
N SER A 197 17.73 -13.37 -4.31
CA SER A 197 16.34 -13.80 -4.26
C SER A 197 15.50 -12.82 -3.43
N PRO A 198 14.23 -12.63 -3.79
CA PRO A 198 13.31 -11.94 -2.90
C PRO A 198 13.07 -12.77 -1.65
N LEU A 199 12.82 -12.08 -0.54
CA LEU A 199 12.58 -12.72 0.74
C LEU A 199 11.18 -12.37 1.23
N VAL A 200 10.45 -13.39 1.68
CA VAL A 200 9.10 -13.24 2.22
C VAL A 200 9.15 -13.49 3.72
N PHE A 201 8.67 -12.50 4.50
CA PHE A 201 8.73 -12.54 5.95
C PHE A 201 7.33 -12.67 6.55
N PRO A 202 7.17 -13.49 7.58
CA PRO A 202 5.88 -13.62 8.25
C PRO A 202 5.69 -12.52 9.28
N LYS A 203 4.53 -12.55 9.92
CA LYS A 203 4.27 -11.67 11.05
C LYS A 203 5.34 -11.85 12.13
N HIS A 204 5.66 -10.76 12.80
CA HIS A 204 6.57 -10.64 13.95
C HIS A 204 8.05 -10.77 13.58
N HIS A 205 8.40 -10.96 12.32
CA HIS A 205 9.79 -10.92 11.91
C HIS A 205 10.17 -9.47 11.60
N VAL A 206 11.23 -8.99 12.23
CA VAL A 206 11.66 -7.61 12.12
C VAL A 206 12.89 -7.54 11.22
N VAL A 207 12.80 -6.76 10.16
CA VAL A 207 13.90 -6.51 9.23
C VAL A 207 14.38 -5.09 9.46
N SER A 208 15.67 -4.94 9.73
CA SER A 208 16.25 -3.66 10.11
C SER A 208 17.35 -3.30 9.13
N LEU A 209 17.30 -2.09 8.60
CA LEU A 209 18.35 -1.56 7.73
C LEU A 209 19.19 -0.59 8.54
N GLN A 210 20.52 -0.74 8.44
CA GLN A 210 21.44 0.06 9.24
C GLN A 210 22.54 0.61 8.33
N PRO A 211 22.82 1.91 8.40
CA PRO A 211 23.80 2.50 7.48
C PRO A 211 25.22 2.07 7.82
N VAL A 212 26.08 2.14 6.82
CA VAL A 212 27.49 1.81 6.96
C VAL A 212 28.35 3.07 6.90
N ASN A 213 28.13 3.92 5.90
CA ASN A 213 28.83 5.19 5.80
C ASN A 213 27.84 6.34 5.70
N ASP A 214 27.21 6.51 4.54
CA ASP A 214 26.21 7.53 4.36
C ASP A 214 25.02 7.26 5.28
N LYS A 215 24.61 8.28 6.03
CA LYS A 215 23.47 8.15 6.93
C LYS A 215 22.24 8.91 6.44
N ASP A 216 22.23 9.35 5.19
CA ASP A 216 21.10 10.04 4.59
C ASP A 216 20.49 9.17 3.50
N PHE A 217 19.19 8.93 3.59
CA PHE A 217 18.49 8.05 2.65
C PHE A 217 17.20 8.69 2.17
N GLN A 218 16.87 8.43 0.91
CA GLN A 218 15.57 8.79 0.36
C GLN A 218 14.62 7.62 0.64
N ILE A 219 13.66 7.85 1.53
CA ILE A 219 12.71 6.82 1.95
C ILE A 219 11.34 7.15 1.37
N SER A 220 10.74 6.19 0.69
CA SER A 220 9.40 6.32 0.15
C SER A 220 8.43 5.44 0.93
N VAL A 221 7.21 5.91 1.07
CA VAL A 221 6.10 5.14 1.64
C VAL A 221 4.91 5.38 0.73
N ASP A 222 4.59 4.38 -0.10
CA ASP A 222 3.58 4.51 -1.15
C ASP A 222 3.99 5.68 -2.04
N HIS A 223 3.13 6.67 -2.28
CA HIS A 223 3.46 7.78 -3.17
C HIS A 223 4.42 8.78 -2.54
N LEU A 224 4.42 8.87 -1.21
CA LEU A 224 5.18 9.90 -0.51
C LEU A 224 6.65 9.51 -0.38
N SER A 225 7.54 10.48 -0.62
CA SER A 225 8.99 10.24 -0.64
C SER A 225 9.71 11.44 -0.03
N ILE A 226 10.46 11.18 1.04
CA ILE A 226 11.15 12.23 1.80
C ILE A 226 12.59 11.83 2.02
N LEU A 227 13.50 12.81 1.92
CA LEU A 227 14.89 12.59 2.29
C LEU A 227 15.01 12.73 3.80
N HIS A 228 15.36 11.64 4.47
CA HIS A 228 15.58 11.63 5.91
C HIS A 228 17.08 11.78 6.18
N ARG A 229 17.42 12.66 7.12
CA ARG A 229 18.82 12.96 7.43
C ARG A 229 19.21 12.33 8.76
N ASP A 230 20.47 11.92 8.84
CA ASP A 230 21.07 11.32 10.02
C ASP A 230 20.23 10.16 10.53
N VAL A 231 19.99 9.21 9.63
CA VAL A 231 19.20 8.02 9.95
C VAL A 231 20.09 7.02 10.67
N GLN A 232 19.60 6.48 11.78
CA GLN A 232 20.29 5.42 12.49
C GLN A 232 19.75 4.03 12.18
N GLU A 233 18.46 3.91 11.85
CA GLU A 233 17.88 2.60 11.60
C GLU A 233 16.55 2.76 10.87
N ILE A 234 16.29 1.81 9.96
CA ILE A 234 15.00 1.66 9.32
C ILE A 234 14.48 0.28 9.68
N ARG A 235 13.24 0.20 10.17
CA ARG A 235 12.70 -1.05 10.69
C ARG A 235 11.39 -1.39 9.98
N TYR A 236 11.34 -2.58 9.41
CA TYR A 236 10.16 -3.08 8.70
C TYR A 236 9.58 -4.27 9.46
N GLU A 237 8.26 -4.33 9.50
CA GLU A 237 7.53 -5.46 10.07
C GLU A 237 6.07 -5.36 9.66
N VAL A 238 5.40 -6.51 9.61
CA VAL A 238 3.98 -6.53 9.28
C VAL A 238 3.22 -5.80 10.37
N SER A 239 2.29 -4.93 9.95
CA SER A 239 1.58 -4.08 10.89
C SER A 239 0.51 -4.86 11.64
N ALA A 240 0.22 -4.40 12.86
CA ALA A 240 -0.92 -4.93 13.59
C ALA A 240 -2.25 -4.42 13.06
N LYS A 241 -2.23 -3.30 12.33
CA LYS A 241 -3.43 -2.74 11.74
C LYS A 241 -3.66 -3.32 10.35
N LYS A 242 -4.93 -3.43 9.97
CA LYS A 242 -5.32 -3.89 8.66
C LYS A 242 -6.28 -2.89 8.04
N ILE A 243 -6.31 -2.87 6.72
CA ILE A 243 -7.29 -2.07 5.98
C ILE A 243 -8.48 -2.95 5.66
N HIS A 244 -9.68 -2.40 5.84
CA HIS A 244 -10.91 -3.15 5.64
C HIS A 244 -11.62 -2.64 4.39
N PHE A 245 -12.05 -3.58 3.54
CA PHE A 245 -12.78 -3.28 2.32
C PHE A 245 -14.23 -3.73 2.46
N ALA A 246 -15.13 -2.98 1.84
CA ALA A 246 -16.51 -3.43 1.68
C ALA A 246 -16.58 -4.40 0.52
N ARG A 247 -17.18 -5.56 0.74
CA ARG A 247 -17.22 -6.65 -0.22
C ARG A 247 -18.66 -6.84 -0.71
N PHE A 248 -18.96 -6.35 -1.91
CA PHE A 248 -20.30 -6.49 -2.46
C PHE A 248 -20.39 -7.53 -3.58
N ARG A 249 -19.28 -8.11 -4.00
CA ARG A 249 -19.32 -9.15 -5.01
C ARG A 249 -18.02 -9.96 -4.95
N SER A 250 -18.06 -11.15 -5.53
CA SER A 250 -16.87 -11.99 -5.64
C SER A 250 -15.99 -11.47 -6.77
N PHE A 251 -14.79 -11.03 -6.43
CA PHE A 251 -13.81 -10.61 -7.42
C PHE A 251 -12.46 -11.12 -6.92
N PRO A 252 -12.12 -12.37 -7.24
CA PRO A 252 -10.90 -12.97 -6.67
C PRO A 252 -9.65 -12.21 -7.04
N PHE A 253 -8.69 -12.21 -6.11
CA PHE A 253 -7.41 -11.55 -6.34
C PHE A 253 -6.72 -12.08 -7.59
N TRP A 254 -6.78 -13.39 -7.82
CA TRP A 254 -6.11 -13.95 -8.99
C TRP A 254 -6.82 -13.57 -10.28
N ARG A 255 -8.15 -13.42 -10.25
CA ARG A 255 -8.83 -12.87 -11.41
C ARG A 255 -8.43 -11.43 -11.64
N ARG A 256 -8.35 -10.64 -10.56
CA ARG A 256 -7.86 -9.28 -10.65
C ARG A 256 -6.46 -9.24 -11.26
N VAL A 257 -5.59 -10.17 -10.85
CA VAL A 257 -4.24 -10.23 -11.42
C VAL A 257 -4.32 -10.60 -12.90
N HIS A 258 -5.16 -11.58 -13.22
CA HIS A 258 -5.32 -12.00 -14.61
C HIS A 258 -5.79 -10.85 -15.49
N ASP A 259 -6.85 -10.14 -15.06
CA ASP A 259 -7.41 -9.09 -15.87
C ASP A 259 -6.41 -7.97 -16.11
N SER A 260 -5.47 -7.77 -15.19
CA SER A 260 -4.53 -6.66 -15.30
C SER A 260 -3.29 -7.01 -16.10
N PHE A 261 -2.87 -8.27 -16.12
CA PHE A 261 -1.60 -8.63 -16.74
C PHE A 261 -1.71 -9.60 -17.90
N ILE A 262 -2.70 -10.50 -17.93
CA ILE A 262 -2.79 -11.48 -18.99
C ILE A 262 -3.68 -10.95 -20.10
N GLU A 263 -4.94 -10.64 -19.79
CA GLU A 263 -5.91 -10.20 -20.77
C GLU A 263 -7.19 -9.77 -20.06
N ASP A 264 -7.86 -8.79 -20.64
CA ASP A 264 -9.19 -8.38 -20.17
C ASP A 264 -10.01 -7.83 -21.33
C1 CIT B . -10.05 -13.88 -3.16
O1 CIT B . -9.04 -13.49 -3.78
O2 CIT B . -10.62 -14.93 -3.56
C2 CIT B . -10.59 -13.14 -1.96
C3 CIT B . -11.00 -11.70 -2.27
O7 CIT B . -11.84 -11.68 -3.45
C4 CIT B . -11.79 -11.11 -1.11
C5 CIT B . -13.24 -11.52 -1.20
O3 CIT B . -13.72 -12.38 -0.42
O4 CIT B . -14.00 -11.00 -2.05
C6 CIT B . -9.77 -10.85 -2.54
O5 CIT B . -9.00 -10.52 -1.61
O6 CIT B . -9.48 -10.50 -3.71
C5 JXT C . -0.95 -0.95 -7.33
C4 JXT C . -0.78 -0.71 -8.68
C2 JXT C . -0.78 -2.98 -9.10
N6 JXT C . -1.23 -2.56 -5.61
C6 JXT C . -1.05 -2.28 -6.90
C8 JXT C . -0.86 1.17 -7.62
CAA JXT C . 0.11 0.98 -13.78
CAD JXT C . 0.62 1.50 -12.85
CAF JXT C . 1.22 2.19 -11.71
CAG JXT C . 0.98 1.47 -10.37
CAH JXT C . -0.52 1.31 -10.10
N1 JXT C . -0.95 -3.26 -7.81
N3 JXT C . -0.68 -1.73 -9.54
N7 JXT C . -1.00 0.22 -6.70
N9 JXT C . -0.72 0.60 -8.81
BR8 JXT C . -0.84 3.03 -7.27
#